data_5CHX
#
_entry.id   5CHX
#
_cell.length_a   223.628
_cell.length_b   83.967
_cell.length_c   39.424
_cell.angle_alpha   90.000
_cell.angle_beta   92.770
_cell.angle_gamma   90.000
#
_symmetry.space_group_name_H-M   'C 1 2 1'
#
loop_
_entity.id
_entity.type
_entity.pdbx_description
1 polymer Xrcc4-MYH7-1590-1657
2 water water
#
_entity_poly.entity_id   1
_entity_poly.type   'polypeptide(L)'
_entity_poly.pdbx_seq_one_letter_code
;GGSGER(MLY)ISRIHLVSEPSITHFLQVSWE(MLY)TLESGFVITLTDGHSAWTGTVSESEISQEADDMAME(MLY)G
(MLY)YVGELR(MLY)ALLSGAGPADVYTFNFS(MLY)ESCYFFFE(MLY)NL(MLY)DVSFRLGSFNLE(MLY)VENPA
EVIRELICYCLDTTAENQA(MLY)NEHHLRVVDSLQTSLDAETRSRNEALRV(MLY)(MLY)(MLY)MEGDLNEMEIQLS
HANRMAAEAQ(MLY)QV(MLY)SLQSLL(MLY)DTQIQL
;
_entity_poly.pdbx_strand_id   A,B
#
# COMPACT_ATOMS: atom_id res chain seq x y z
N SER A 3 -14.69 3.48 22.21
CA SER A 3 -13.73 2.78 21.30
C SER A 3 -12.38 2.54 21.99
N GLY A 4 -11.63 3.62 22.18
CA GLY A 4 -10.37 3.58 22.93
C GLY A 4 -9.24 3.48 21.94
N GLU A 5 -8.03 3.74 22.39
CA GLU A 5 -6.85 3.55 21.56
C GLU A 5 -5.77 2.93 22.40
N ARG A 6 -4.81 2.23 21.78
CA ARG A 6 -3.70 1.64 22.54
C ARG A 6 -2.45 1.48 21.73
N MLY A 7 -1.33 1.35 22.46
CA MLY A 7 -0.03 1.05 21.87
CB MLY A 7 0.84 2.31 21.86
CG MLY A 7 2.21 2.06 21.24
CD MLY A 7 2.19 1.88 19.71
CE MLY A 7 3.65 1.71 19.21
NZ MLY A 7 3.79 1.39 17.78
CH1 MLY A 7 5.23 1.14 17.50
CH2 MLY A 7 3.06 0.16 17.42
C MLY A 7 0.65 0.01 22.73
O MLY A 7 0.62 0.08 23.94
N ILE A 8 1.29 -0.95 22.08
CA ILE A 8 2.00 -2.00 22.74
C ILE A 8 3.44 -1.86 22.33
N SER A 9 4.33 -1.72 23.31
CA SER A 9 5.73 -1.48 23.04
C SER A 9 6.59 -2.49 23.76
N ARG A 10 7.70 -2.87 23.16
CA ARG A 10 8.73 -3.64 23.80
C ARG A 10 9.65 -2.74 24.60
N ILE A 11 10.01 -3.17 25.83
CA ILE A 11 11.02 -2.46 26.62
C ILE A 11 11.91 -3.42 27.35
N HIS A 12 13.06 -2.92 27.79
CA HIS A 12 13.98 -3.66 28.66
C HIS A 12 14.06 -2.92 29.99
N LEU A 13 13.97 -3.67 31.08
CA LEU A 13 14.04 -3.12 32.41
C LEU A 13 15.48 -3.11 32.85
N VAL A 14 15.86 -2.07 33.59
CA VAL A 14 17.26 -1.96 34.04
C VAL A 14 17.72 -3.22 34.76
N SER A 15 16.85 -3.73 35.64
CA SER A 15 17.14 -4.93 36.44
C SER A 15 17.06 -6.27 35.67
N GLU A 16 16.49 -6.27 34.46
CA GLU A 16 16.28 -7.52 33.71
C GLU A 16 16.62 -7.31 32.24
N PRO A 17 17.91 -7.11 31.95
CA PRO A 17 18.36 -6.79 30.58
C PRO A 17 18.22 -7.94 29.59
N SER A 18 18.36 -9.17 30.06
CA SER A 18 18.30 -10.33 29.17
C SER A 18 16.88 -10.54 28.64
N ILE A 19 15.89 -10.08 29.40
CA ILE A 19 14.48 -10.30 29.09
C ILE A 19 13.77 -9.06 28.51
N THR A 20 12.98 -9.30 27.46
CA THR A 20 12.12 -8.31 26.86
C THR A 20 10.78 -8.27 27.56
N HIS A 21 10.35 -7.10 28.00
CA HIS A 21 9.01 -6.92 28.55
C HIS A 21 8.16 -6.14 27.60
N PHE A 22 6.85 -6.14 27.82
CA PHE A 22 5.94 -5.36 27.00
C PHE A 22 5.19 -4.43 27.85
N LEU A 23 4.95 -3.26 27.30
CA LEU A 23 4.24 -2.22 27.96
C LEU A 23 3.02 -1.92 27.10
N GLN A 24 1.83 -1.95 27.67
CA GLN A 24 0.59 -1.70 26.95
C GLN A 24 -0.04 -0.48 27.56
N VAL A 25 -0.23 0.56 26.75
CA VAL A 25 -0.79 1.81 27.23
C VAL A 25 -2.03 2.08 26.42
N SER A 26 -3.10 2.49 27.10
CA SER A 26 -4.38 2.73 26.43
C SER A 26 -5.05 3.97 26.95
N TRP A 27 -5.78 4.66 26.08
CA TRP A 27 -6.39 5.93 26.43
C TRP A 27 -7.64 6.20 25.63
N GLU A 28 -8.33 7.26 26.01
CA GLU A 28 -9.58 7.61 25.38
C GLU A 28 -9.34 8.38 24.07
N MLY A 29 -9.04 9.66 24.19
CA MLY A 29 -8.92 10.55 23.04
CB MLY A 29 -9.86 11.74 23.29
CG MLY A 29 -11.34 11.42 23.10
CD MLY A 29 -12.25 12.32 23.94
CE MLY A 29 -13.16 13.20 23.08
NZ MLY A 29 -14.10 14.01 23.88
CH1 MLY A 29 -14.81 14.94 22.97
CH2 MLY A 29 -15.09 13.18 24.60
C MLY A 29 -7.52 11.06 22.89
O MLY A 29 -6.98 11.10 21.78
N THR A 30 -6.91 11.43 24.02
CA THR A 30 -5.54 11.91 24.05
C THR A 30 -4.90 11.29 25.30
N LEU A 31 -3.59 11.22 25.29
CA LEU A 31 -2.83 10.69 26.41
C LEU A 31 -2.94 11.67 27.57
N GLU A 32 -3.09 12.95 27.23
CA GLU A 32 -3.22 14.02 28.22
C GLU A 32 -4.46 13.87 29.11
N SER A 33 -5.51 13.24 28.59
CA SER A 33 -6.77 13.05 29.33
C SER A 33 -6.70 11.91 30.34
N GLY A 34 -5.58 11.19 30.37
CA GLY A 34 -5.38 10.08 31.31
C GLY A 34 -5.25 8.77 30.57
N PHE A 35 -4.56 7.79 31.18
CA PHE A 35 -4.34 6.50 30.55
C PHE A 35 -4.17 5.34 31.52
N VAL A 36 -4.25 4.12 30.98
CA VAL A 36 -4.06 2.88 31.72
C VAL A 36 -2.78 2.26 31.22
N ILE A 37 -1.99 1.71 32.13
CA ILE A 37 -0.72 1.12 31.72
C ILE A 37 -0.46 -0.23 32.38
N THR A 38 -0.07 -1.19 31.55
CA THR A 38 0.18 -2.58 31.96
C THR A 38 1.57 -3.01 31.54
N LEU A 39 2.30 -3.67 32.41
CA LEU A 39 3.60 -4.23 32.08
C LEU A 39 3.43 -5.73 32.15
N THR A 40 4.03 -6.47 31.24
CA THR A 40 3.97 -7.92 31.34
C THR A 40 5.23 -8.54 30.81
N ASP A 41 5.56 -9.68 31.38
CA ASP A 41 6.62 -10.49 30.84
C ASP A 41 5.75 -11.54 30.20
N GLY A 42 6.27 -12.69 29.84
CA GLY A 42 5.35 -13.71 29.33
C GLY A 42 4.38 -14.39 30.32
N HIS A 43 4.45 -14.10 31.62
CA HIS A 43 3.82 -14.89 32.70
C HIS A 43 2.91 -14.10 33.63
N SER A 44 3.43 -12.98 34.15
CA SER A 44 2.69 -12.11 35.07
C SER A 44 2.36 -10.77 34.40
N ALA A 45 1.49 -10.00 35.05
CA ALA A 45 1.18 -8.65 34.59
C ALA A 45 0.88 -7.72 35.73
N TRP A 46 1.28 -6.48 35.56
CA TRP A 46 1.03 -5.45 36.56
C TRP A 46 0.36 -4.25 35.89
N THR A 47 -0.61 -3.64 36.55
CA THR A 47 -1.40 -2.59 35.92
C THR A 47 -1.71 -1.42 36.81
N GLY A 48 -1.57 -0.21 36.26
CA GLY A 48 -1.89 1.02 36.95
C GLY A 48 -2.66 1.99 36.06
N THR A 49 -3.21 3.03 36.67
CA THR A 49 -4.00 4.03 35.98
C THR A 49 -3.53 5.43 36.36
N VAL A 50 -3.37 6.28 35.36
CA VAL A 50 -2.92 7.66 35.54
C VAL A 50 -3.97 8.65 35.04
N SER A 51 -4.52 9.47 35.92
CA SER A 51 -5.53 10.44 35.54
C SER A 51 -4.89 11.67 34.93
N GLU A 52 -5.76 12.46 34.30
CA GLU A 52 -5.42 13.77 33.77
C GLU A 52 -4.84 14.71 34.82
N SER A 53 -5.45 14.67 36.01
CA SER A 53 -5.01 15.50 37.14
C SER A 53 -3.59 15.15 37.56
N GLU A 54 -3.29 13.86 37.69
CA GLU A 54 -1.95 13.45 38.13
C GLU A 54 -0.91 13.69 37.06
N ILE A 55 -1.35 13.75 35.80
CA ILE A 55 -0.46 14.12 34.70
C ILE A 55 -0.17 15.61 34.73
N SER A 56 -1.23 16.42 34.76
CA SER A 56 -1.11 17.88 34.89
C SER A 56 -0.24 18.25 36.09
N GLN A 57 -0.46 17.54 37.18
CA GLN A 57 0.28 17.76 38.43
C GLN A 57 1.76 17.46 38.29
N GLU A 58 2.10 16.34 37.65
CA GLU A 58 3.50 15.91 37.50
C GLU A 58 4.30 16.88 36.61
N ALA A 59 3.62 17.49 35.64
CA ALA A 59 4.24 18.52 34.78
C ALA A 59 4.61 19.77 35.58
N ASP A 60 3.64 20.23 36.37
CA ASP A 60 3.77 21.35 37.27
C ASP A 60 4.87 21.09 38.30
N ASP A 61 5.00 19.85 38.74
CA ASP A 61 5.98 19.46 39.78
C ASP A 61 7.40 19.39 39.28
N MET A 62 7.55 19.37 37.96
CA MET A 62 8.86 19.31 37.33
C MET A 62 9.24 20.59 36.61
N ALA A 63 8.48 21.65 36.86
CA ALA A 63 8.69 22.91 36.17
C ALA A 63 8.74 22.68 34.66
N MET A 64 7.92 21.78 34.15
CA MET A 64 7.90 21.51 32.71
C MET A 64 6.53 21.90 32.18
N GLU A 65 6.53 22.59 31.04
CA GLU A 65 5.29 22.91 30.34
C GLU A 65 4.51 21.61 30.01
N MLY A 66 3.19 21.67 30.16
CA MLY A 66 2.31 20.51 30.07
CB MLY A 66 0.88 20.93 30.38
CG MLY A 66 0.00 19.71 30.70
CD MLY A 66 -1.50 20.02 30.65
CE MLY A 66 -1.98 21.06 31.66
NZ MLY A 66 -3.41 21.43 31.45
CH1 MLY A 66 -3.84 22.34 32.53
CH2 MLY A 66 -3.66 22.09 30.14
C MLY A 66 2.40 19.87 28.70
O MLY A 66 2.55 18.65 28.59
N GLY A 67 2.28 20.68 27.66
CA GLY A 67 2.37 20.18 26.28
C GLY A 67 3.66 19.40 26.03
N MLY A 68 4.77 19.95 26.49
CA MLY A 68 6.09 19.32 26.27
CB MLY A 68 7.18 20.35 26.58
CG MLY A 68 8.51 19.96 25.92
CD MLY A 68 9.56 21.08 25.90
CE MLY A 68 9.65 21.89 24.58
NZ MLY A 68 8.93 23.19 24.67
CH1 MLY A 68 9.72 24.23 25.38
CH2 MLY A 68 8.54 23.69 23.33
C MLY A 68 6.22 18.07 27.11
O MLY A 68 6.85 17.08 26.68
N TYR A 69 5.62 18.09 28.29
CA TYR A 69 5.67 16.92 29.19
C TYR A 69 4.88 15.75 28.59
N VAL A 70 3.69 16.03 28.08
CA VAL A 70 2.87 14.98 27.46
C VAL A 70 3.58 14.45 26.22
N GLY A 71 4.33 15.32 25.54
CA GLY A 71 5.16 14.88 24.41
C GLY A 71 6.23 13.89 24.85
N GLU A 72 6.83 14.15 26.01
CA GLU A 72 7.82 13.24 26.59
C GLU A 72 7.19 11.90 27.01
N LEU A 73 5.99 11.97 27.58
CA LEU A 73 5.28 10.77 27.89
C LEU A 73 5.05 9.93 26.63
N ARG A 74 4.64 10.58 25.54
CA ARG A 74 4.40 9.88 24.27
C ARG A 74 5.67 9.20 23.80
N MLY A 75 6.79 9.89 23.85
CA MLY A 75 8.04 9.32 23.33
CB MLY A 75 9.07 10.42 23.26
CG MLY A 75 8.77 11.37 22.10
CD MLY A 75 10.00 12.22 21.72
CE MLY A 75 9.87 13.62 22.31
NZ MLY A 75 10.11 14.63 21.27
CH1 MLY A 75 8.91 14.82 20.42
CH2 MLY A 75 10.46 15.88 21.97
C MLY A 75 8.54 8.18 24.17
O MLY A 75 9.07 7.19 23.66
N ALA A 76 8.37 8.30 25.49
CA ALA A 76 8.88 7.29 26.42
C ALA A 76 8.00 6.05 26.43
N LEU A 77 6.69 6.25 26.59
CA LEU A 77 5.75 5.15 26.85
C LEU A 77 5.13 4.52 25.61
N LEU A 78 5.05 5.29 24.52
CA LEU A 78 4.49 4.79 23.28
C LEU A 78 5.58 4.48 22.25
N SER A 79 6.85 4.41 22.68
CA SER A 79 8.01 4.08 21.82
C SER A 79 8.02 4.92 20.54
N GLY A 80 7.88 6.23 20.70
CA GLY A 80 7.95 7.17 19.58
C GLY A 80 9.26 7.96 19.48
N ALA A 81 10.37 7.38 19.96
CA ALA A 81 11.67 8.10 20.12
C ALA A 81 12.67 7.97 18.95
N GLY A 82 13.75 8.76 19.03
CA GLY A 82 14.91 8.62 18.13
C GLY A 82 15.96 7.69 18.71
N ASP A 85 17.68 3.71 23.97
CA ASP A 85 18.77 4.65 24.18
C ASP A 85 18.38 5.77 25.17
N VAL A 86 17.43 6.61 24.72
CA VAL A 86 17.12 7.84 25.40
C VAL A 86 16.34 7.55 26.68
N TYR A 87 15.42 6.58 26.66
CA TYR A 87 14.56 6.35 27.80
C TYR A 87 14.87 5.00 28.47
N THR A 88 15.02 5.01 29.81
CA THR A 88 15.25 3.78 30.58
C THR A 88 14.14 3.51 31.57
N PHE A 89 13.91 2.24 31.82
CA PHE A 89 12.73 1.79 32.57
C PHE A 89 13.09 0.90 33.78
N ASN A 90 12.42 1.19 34.90
CA ASN A 90 12.72 0.49 36.16
C ASN A 90 11.46 0.02 36.82
N PHE A 91 11.53 -1.22 37.32
CA PHE A 91 10.42 -1.80 38.04
C PHE A 91 10.93 -2.78 39.08
N SER A 92 10.44 -2.64 40.30
CA SER A 92 10.64 -3.62 41.36
C SER A 92 9.33 -4.39 41.56
N MLY A 93 9.42 -5.70 41.41
CA MLY A 93 8.25 -6.54 41.63
CB MLY A 93 8.61 -7.99 41.38
CG MLY A 93 9.21 -8.22 39.99
CD MLY A 93 10.03 -9.50 40.02
CE MLY A 93 10.81 -9.67 38.74
NZ MLY A 93 9.89 -10.10 37.66
CH1 MLY A 93 10.05 -9.39 36.36
CH2 MLY A 93 10.03 -11.57 37.54
C MLY A 93 7.72 -6.44 43.05
O MLY A 93 6.52 -6.61 43.27
N GLU A 94 8.61 -6.14 44.00
CA GLU A 94 8.25 -6.10 45.43
C GLU A 94 7.41 -4.90 45.82
N SER A 95 7.84 -3.72 45.41
CA SER A 95 7.09 -2.50 45.71
C SER A 95 6.12 -2.14 44.59
N CYS A 96 6.19 -2.87 43.47
CA CYS A 96 5.35 -2.61 42.29
C CYS A 96 5.51 -1.18 41.82
N TYR A 97 6.74 -0.71 41.93
CA TYR A 97 7.03 0.66 41.65
C TYR A 97 7.68 0.69 40.30
N PHE A 98 7.11 1.50 39.42
CA PHE A 98 7.61 1.64 38.06
C PHE A 98 8.04 3.07 37.88
N PHE A 99 9.27 3.27 37.43
CA PHE A 99 9.70 4.62 37.09
C PHE A 99 10.64 4.58 35.91
N PHE A 100 10.62 5.68 35.16
CA PHE A 100 11.41 5.80 33.93
C PHE A 100 12.10 7.15 33.82
N GLU A 101 13.28 7.13 33.20
CA GLU A 101 14.17 8.30 33.13
C GLU A 101 14.48 8.67 31.68
N MLY A 102 14.75 9.96 31.44
CA MLY A 102 15.28 10.39 30.16
CB MLY A 102 14.66 11.69 29.71
CG MLY A 102 15.11 12.01 28.26
CD MLY A 102 14.50 13.31 27.73
CE MLY A 102 14.67 13.42 26.22
NZ MLY A 102 14.02 14.59 25.64
CH1 MLY A 102 14.71 15.82 26.08
CH2 MLY A 102 14.12 14.51 24.14
C MLY A 102 16.75 10.56 30.28
O MLY A 102 17.24 11.24 31.19
N ASN A 103 17.48 10.01 29.33
CA ASN A 103 18.92 10.10 29.31
C ASN A 103 19.47 10.90 28.13
N LEU A 104 20.32 11.88 28.41
CA LEU A 104 21.31 12.33 27.44
C LEU A 104 22.55 11.53 27.83
N MLY A 105 23.67 11.82 27.27
CA MLY A 105 24.82 10.91 27.18
CB MLY A 105 26.08 11.70 26.74
CG MLY A 105 26.04 12.13 25.28
CD MLY A 105 27.20 13.09 24.95
CE MLY A 105 26.98 14.05 23.77
NZ MLY A 105 28.20 14.85 23.41
CH1 MLY A 105 28.83 15.56 24.55
CH2 MLY A 105 29.20 14.02 22.70
C MLY A 105 25.09 10.24 28.47
O MLY A 105 25.03 9.02 28.59
N ASP A 106 25.38 11.07 29.46
CA ASP A 106 25.75 10.59 30.75
C ASP A 106 24.73 11.03 31.79
N VAL A 107 23.97 12.06 31.46
CA VAL A 107 23.11 12.78 32.39
C VAL A 107 21.70 12.27 32.30
N SER A 108 21.08 12.01 33.45
CA SER A 108 19.72 11.51 33.46
C SER A 108 18.86 12.26 34.45
N PHE A 109 17.55 12.17 34.22
CA PHE A 109 16.56 12.67 35.18
C PHE A 109 15.25 11.89 35.08
N ARG A 110 14.53 11.84 36.19
CA ARG A 110 13.33 11.07 36.30
C ARG A 110 12.22 11.76 35.54
N LEU A 111 11.55 11.01 34.68
CA LEU A 111 10.50 11.56 33.82
C LEU A 111 9.13 11.29 34.42
N GLY A 112 8.95 10.07 34.93
CA GLY A 112 7.70 9.71 35.55
C GLY A 112 7.75 8.45 36.39
N SER A 113 6.66 8.22 37.10
CA SER A 113 6.57 7.07 38.02
C SER A 113 5.13 6.63 38.23
N PHE A 114 4.93 5.31 38.30
CA PHE A 114 3.63 4.73 38.56
C PHE A 114 3.73 3.60 39.54
N ASN A 115 2.67 3.41 40.31
CA ASN A 115 2.47 2.18 41.05
C ASN A 115 1.63 1.26 40.20
N LEU A 116 2.14 0.05 39.97
CA LEU A 116 1.43 -0.95 39.17
C LEU A 116 1.01 -2.17 40.01
N GLU A 117 -0.29 -2.29 40.26
CA GLU A 117 -0.84 -3.43 41.01
C GLU A 117 -0.81 -4.72 40.21
N MLY A 118 -0.26 -5.77 40.82
CA MLY A 118 -0.16 -7.10 40.15
CB MLY A 118 0.69 -8.06 40.98
CG MLY A 118 1.20 -9.25 40.18
CD MLY A 118 1.89 -10.26 41.08
CE MLY A 118 2.52 -11.39 40.26
NZ MLY A 118 3.37 -12.25 41.13
CH1 MLY A 118 2.51 -13.05 42.04
CH2 MLY A 118 4.23 -13.12 40.29
C MLY A 118 -1.56 -7.64 39.93
O MLY A 118 -2.36 -7.71 40.83
N VAL A 119 -1.87 -8.00 38.69
CA VAL A 119 -3.19 -8.56 38.37
C VAL A 119 -3.20 -10.06 38.69
N GLU A 120 -4.35 -10.56 39.14
CA GLU A 120 -4.47 -12.00 39.49
C GLU A 120 -4.88 -12.87 38.28
N ASN A 121 -5.19 -12.22 37.15
CA ASN A 121 -5.62 -12.88 35.90
C ASN A 121 -4.72 -12.48 34.74
N PRO A 122 -3.41 -12.75 34.85
CA PRO A 122 -2.46 -12.32 33.81
C PRO A 122 -2.73 -12.94 32.42
N ALA A 123 -3.12 -14.20 32.40
CA ALA A 123 -3.33 -14.94 31.16
C ALA A 123 -4.43 -14.29 30.35
N GLU A 124 -5.46 -13.84 31.04
CA GLU A 124 -6.56 -13.13 30.40
C GLU A 124 -6.07 -11.83 29.73
N VAL A 125 -5.26 -11.05 30.43
CA VAL A 125 -4.67 -9.82 29.87
C VAL A 125 -3.78 -10.13 28.67
N ILE A 126 -3.01 -11.20 28.80
CA ILE A 126 -2.11 -11.62 27.76
C ILE A 126 -2.86 -12.11 26.52
N ARG A 127 -3.92 -12.88 26.73
CA ARG A 127 -4.74 -13.32 25.61
C ARG A 127 -5.40 -12.17 24.89
N GLU A 128 -5.94 -11.22 25.66
CA GLU A 128 -6.56 -10.05 25.06
C GLU A 128 -5.53 -9.24 24.27
N LEU A 129 -4.33 -9.11 24.81
CA LEU A 129 -3.25 -8.44 24.11
C LEU A 129 -2.91 -9.10 22.78
N ILE A 130 -2.73 -10.41 22.80
CA ILE A 130 -2.38 -11.14 21.59
C ILE A 130 -3.51 -11.06 20.57
N CYS A 131 -4.75 -11.23 21.02
CA CYS A 131 -5.91 -10.99 20.14
C CYS A 131 -5.84 -9.61 19.46
N TYR A 132 -5.52 -8.58 20.21
CA TYR A 132 -5.41 -7.23 19.64
C TYR A 132 -4.39 -7.23 18.56
N CYS A 133 -3.22 -7.79 18.82
CA CYS A 133 -2.22 -7.86 17.79
C CYS A 133 -2.72 -8.62 16.54
N LEU A 134 -3.37 -9.77 16.70
CA LEU A 134 -3.79 -10.53 15.51
C LEU A 134 -4.83 -9.77 14.72
N ASP A 135 -5.77 -9.13 15.43
CA ASP A 135 -6.81 -8.34 14.77
C ASP A 135 -6.18 -7.23 13.94
N THR A 136 -5.25 -6.52 14.56
CA THR A 136 -4.54 -5.45 13.90
C THR A 136 -3.83 -5.95 12.66
N THR A 137 -3.13 -7.06 12.75
CA THR A 137 -2.47 -7.64 11.60
C THR A 137 -3.46 -7.99 10.49
N ALA A 138 -4.63 -8.54 10.84
CA ALA A 138 -5.65 -8.80 9.84
C ALA A 138 -6.13 -7.53 9.11
N GLU A 139 -6.46 -6.50 9.85
CA GLU A 139 -6.86 -5.23 9.26
C GLU A 139 -5.78 -4.66 8.35
N ASN A 140 -4.54 -4.73 8.77
CA ASN A 140 -3.45 -4.30 7.93
C ASN A 140 -3.27 -5.11 6.68
N GLN A 141 -3.51 -6.40 6.76
CA GLN A 141 -3.43 -7.24 5.58
C GLN A 141 -4.49 -6.79 4.58
N ALA A 142 -5.71 -6.50 5.05
CA ALA A 142 -6.79 -6.09 4.15
C ALA A 142 -6.47 -4.75 3.48
N MLY A 143 -5.90 -3.85 4.25
CA MLY A 143 -5.51 -2.57 3.69
CB MLY A 143 -4.92 -1.72 4.80
CG MLY A 143 -6.03 -0.79 5.32
CD MLY A 143 -5.71 -0.39 6.79
CE MLY A 143 -4.27 0.06 6.84
NZ MLY A 143 -4.00 0.57 8.21
CH1 MLY A 143 -2.56 1.06 8.25
CH2 MLY A 143 -4.90 1.76 8.47
C MLY A 143 -4.43 -2.72 2.71
O MLY A 143 -4.42 -1.99 1.69
N ASN A 144 -3.49 -3.61 2.96
CA ASN A 144 -2.43 -3.80 1.99
C ASN A 144 -2.97 -4.39 0.71
N GLU A 145 -3.95 -5.27 0.84
CA GLU A 145 -4.57 -5.87 -0.32
C GLU A 145 -5.28 -4.80 -1.14
N HIS A 146 -5.99 -3.93 -0.45
CA HIS A 146 -6.77 -2.90 -1.10
C HIS A 146 -5.89 -1.90 -1.83
N HIS A 147 -4.59 -1.53 -1.14
CA HIS A 147 -3.71 -0.59 -1.83
C HIS A 147 -3.15 -1.22 -3.05
N LEU A 148 -2.92 -2.52 -3.03
CA LEU A 148 -2.44 -3.20 -4.22
C LEU A 148 -3.41 -3.11 -5.39
N ARG A 149 -4.71 -3.21 -5.10
CA ARG A 149 -5.72 -3.06 -6.15
C ARG A 149 -5.74 -1.63 -6.68
N VAL A 150 -5.56 -0.68 -5.79
CA VAL A 150 -5.56 0.71 -6.18
C VAL A 150 -4.38 1.00 -7.07
N VAL A 151 -3.21 0.52 -6.70
CA VAL A 151 -2.00 0.72 -7.49
C VAL A 151 -2.14 0.09 -8.85
N ASP A 152 -2.61 -1.13 -8.90
CA ASP A 152 -2.80 -1.82 -10.18
C ASP A 152 -3.70 -1.00 -11.11
N SER A 153 -4.79 -0.48 -10.55
CA SER A 153 -5.75 0.31 -11.27
C SER A 153 -5.07 1.59 -11.78
N LEU A 154 -4.33 2.24 -10.92
CA LEU A 154 -3.63 3.45 -11.35
C LEU A 154 -2.62 3.14 -12.43
N GLN A 155 -1.90 2.02 -12.34
CA GLN A 155 -0.89 1.70 -13.37
C GLN A 155 -1.53 1.43 -14.70
N THR A 156 -2.72 0.86 -14.63
CA THR A 156 -3.47 0.54 -15.85
C THR A 156 -3.93 1.84 -16.48
N SER A 157 -4.46 2.78 -15.70
CA SER A 157 -4.82 4.12 -16.25
C SER A 157 -3.63 4.83 -16.84
N LEU A 158 -2.50 4.76 -16.19
CA LEU A 158 -1.30 5.38 -16.71
C LEU A 158 -0.83 4.76 -18.01
N ASP A 159 -0.95 3.45 -18.09
CA ASP A 159 -0.52 2.76 -19.29
C ASP A 159 -1.39 3.28 -20.44
N ALA A 160 -2.68 3.45 -20.21
CA ALA A 160 -3.62 3.90 -21.21
C ALA A 160 -3.30 5.33 -21.63
N GLU A 161 -3.07 6.19 -20.65
CA GLU A 161 -2.67 7.56 -20.95
C GLU A 161 -1.41 7.58 -21.80
N THR A 162 -0.43 6.79 -21.46
CA THR A 162 0.83 6.80 -22.19
C THR A 162 0.64 6.40 -23.62
N ARG A 163 -0.05 5.29 -23.81
CA ARG A 163 -0.25 4.79 -25.17
C ARG A 163 -1.05 5.76 -26.02
N SER A 164 -2.10 6.35 -25.46
CA SER A 164 -2.93 7.32 -26.17
C SER A 164 -2.12 8.58 -26.52
N ARG A 165 -1.26 8.98 -25.60
CA ARG A 165 -0.34 10.11 -25.82
C ARG A 165 0.60 9.85 -26.98
N ASN A 166 1.25 8.69 -27.02
CA ASN A 166 2.11 8.39 -28.14
C ASN A 166 1.36 8.28 -29.46
N GLU A 167 0.15 7.74 -29.43
CA GLU A 167 -0.69 7.68 -30.66
C GLU A 167 -0.99 9.05 -31.17
N ALA A 168 -1.39 9.95 -30.29
CA ALA A 168 -1.76 11.29 -30.73
C ALA A 168 -0.57 12.05 -31.23
N LEU A 169 0.61 11.71 -30.72
CA LEU A 169 1.85 12.29 -31.19
C LEU A 169 2.07 11.94 -32.65
N ARG A 170 1.81 10.70 -33.04
CA ARG A 170 2.01 10.32 -34.45
C ARG A 170 1.00 11.05 -35.35
N VAL A 171 -0.24 11.15 -34.90
CA VAL A 171 -1.26 11.87 -35.66
C VAL A 171 -0.89 13.34 -35.80
N MLY A 172 -0.26 13.90 -34.79
CA MLY A 172 0.12 15.30 -34.85
CB MLY A 172 0.62 15.78 -33.54
CG MLY A 172 1.11 17.23 -33.47
CD MLY A 172 1.61 17.49 -32.02
CE MLY A 172 2.12 18.94 -31.82
NZ MLY A 172 3.28 19.28 -32.66
CH1 MLY A 172 3.70 20.65 -32.32
CH2 MLY A 172 4.42 18.34 -32.53
C MLY A 172 1.18 15.52 -35.88
O MLY A 172 1.10 16.49 -36.61
N MLY A 173 2.15 14.61 -35.98
CA MLY A 173 3.18 14.70 -36.99
CB MLY A 173 4.16 13.53 -36.92
CG MLY A 173 5.61 14.00 -36.78
CD MLY A 173 6.40 13.91 -38.08
CE MLY A 173 7.93 14.08 -37.86
NZ MLY A 173 8.62 12.81 -37.46
CH1 MLY A 173 9.53 12.36 -38.53
CH2 MLY A 173 9.38 12.97 -36.19
C MLY A 173 2.58 14.63 -38.38
O MLY A 173 3.04 15.34 -39.29
N MLY A 174 1.59 13.77 -38.59
CA MLY A 174 1.04 13.58 -39.93
CB MLY A 174 0.22 12.32 -40.06
CG MLY A 174 -0.45 12.25 -41.43
CD MLY A 174 -0.98 10.85 -41.76
CE MLY A 174 -1.88 10.88 -43.00
NZ MLY A 174 -2.70 12.11 -43.10
CH1 MLY A 174 -2.80 12.47 -44.54
CH2 MLY A 174 -4.07 11.95 -42.53
C MLY A 174 0.25 14.81 -40.30
O MLY A 174 0.40 15.27 -41.42
N MET A 175 -0.55 15.36 -39.38
CA MET A 175 -1.32 16.55 -39.67
C MET A 175 -0.40 17.67 -40.06
N GLU A 176 0.74 17.79 -39.38
CA GLU A 176 1.69 18.87 -39.65
C GLU A 176 2.32 18.75 -41.01
N GLY A 177 2.65 17.52 -41.38
CA GLY A 177 3.10 17.19 -42.72
C GLY A 177 2.10 17.62 -43.76
N ASP A 178 0.83 17.26 -43.53
CA ASP A 178 -0.27 17.61 -44.43
C ASP A 178 -0.41 19.11 -44.59
N LEU A 179 -0.25 19.83 -43.49
CA LEU A 179 -0.37 21.26 -43.50
C LEU A 179 0.74 21.86 -44.34
N ASN A 180 1.93 21.35 -44.13
CA ASN A 180 3.07 21.81 -44.87
C ASN A 180 2.96 21.49 -46.35
N GLU A 181 2.51 20.29 -46.69
CA GLU A 181 2.36 19.91 -48.08
C GLU A 181 1.41 20.87 -48.76
N MET A 182 0.30 21.18 -48.10
CA MET A 182 -0.64 22.16 -48.65
C MET A 182 0.01 23.53 -48.80
N GLU A 183 0.88 23.91 -47.89
CA GLU A 183 1.56 25.21 -48.00
C GLU A 183 2.43 25.27 -49.24
N ILE A 184 3.16 24.19 -49.54
CA ILE A 184 4.00 24.25 -50.73
C ILE A 184 3.16 24.21 -52.03
N GLN A 185 2.01 23.53 -51.96
CA GLN A 185 1.07 23.59 -53.07
C GLN A 185 0.51 24.99 -53.25
N LEU A 186 0.21 25.64 -52.15
CA LEU A 186 -0.25 27.04 -52.17
C LEU A 186 0.81 27.94 -52.81
N SER A 187 2.05 27.70 -52.43
CA SER A 187 3.15 28.49 -52.91
C SER A 187 3.18 28.37 -54.42
N HIS A 188 3.21 27.14 -54.90
CA HIS A 188 3.17 26.82 -56.34
C HIS A 188 2.06 27.58 -57.08
N ALA A 189 0.84 27.43 -56.60
CA ALA A 189 -0.28 28.10 -57.23
C ALA A 189 -0.09 29.59 -57.27
N ASN A 190 0.32 30.18 -56.16
CA ASN A 190 0.47 31.63 -56.14
C ASN A 190 1.54 32.09 -57.11
N ARG A 191 2.61 31.32 -57.26
CA ARG A 191 3.65 31.66 -58.20
C ARG A 191 3.20 31.56 -59.66
N MET A 192 2.44 30.50 -59.98
CA MET A 192 1.85 30.36 -61.30
C MET A 192 0.97 31.55 -61.62
N ALA A 193 0.08 31.92 -60.70
CA ALA A 193 -0.79 33.07 -60.95
C ALA A 193 0.01 34.33 -61.21
N ALA A 194 1.00 34.61 -60.37
CA ALA A 194 1.77 35.82 -60.44
C ALA A 194 2.51 35.90 -61.76
N GLU A 195 3.10 34.78 -62.16
CA GLU A 195 3.86 34.74 -63.39
C GLU A 195 2.95 34.94 -64.60
N ALA A 196 1.84 34.23 -64.60
CA ALA A 196 0.81 34.47 -65.60
C ALA A 196 0.34 35.91 -65.62
N GLN A 197 0.22 36.54 -64.47
CA GLN A 197 -0.23 37.95 -64.44
C GLN A 197 0.79 38.89 -65.04
N MLY A 198 2.07 38.51 -64.95
CA MLY A 198 3.12 39.25 -65.63
CB MLY A 198 4.49 38.67 -65.40
CG MLY A 198 5.05 39.14 -64.07
CD MLY A 198 6.34 38.38 -63.75
CE MLY A 198 6.75 38.51 -62.29
NZ MLY A 198 7.47 37.30 -61.84
CH1 MLY A 198 8.87 37.29 -62.32
CH2 MLY A 198 7.39 37.27 -60.38
C MLY A 198 2.87 39.15 -67.09
O MLY A 198 2.97 40.13 -67.81
N GLN A 199 2.56 37.94 -67.56
CA GLN A 199 2.25 37.69 -68.97
C GLN A 199 1.06 38.50 -69.40
N VAL A 200 0.02 38.52 -68.60
CA VAL A 200 -1.12 39.40 -68.87
C VAL A 200 -0.69 40.84 -69.09
N MLY A 201 0.13 41.36 -68.19
CA MLY A 201 0.64 42.74 -68.29
CB MLY A 201 1.60 43.05 -67.14
CG MLY A 201 1.76 44.54 -66.81
CD MLY A 201 2.85 44.71 -65.72
CE MLY A 201 2.60 45.88 -64.74
NZ MLY A 201 3.06 47.21 -65.27
CH1 MLY A 201 1.99 48.22 -65.16
CH2 MLY A 201 4.27 47.71 -64.59
C MLY A 201 1.35 42.93 -69.60
O MLY A 201 1.09 43.91 -70.29
N SER A 202 2.23 41.99 -69.97
CA SER A 202 2.95 42.05 -71.25
C SER A 202 1.97 42.18 -72.38
N LEU A 203 0.94 41.33 -72.36
CA LEU A 203 -0.03 41.29 -73.46
C LEU A 203 -0.82 42.56 -73.57
N GLN A 204 -1.20 43.12 -72.45
CA GLN A 204 -1.94 44.36 -72.50
C GLN A 204 -1.08 45.48 -73.05
N SER A 205 0.20 45.48 -72.68
CA SER A 205 1.16 46.45 -73.21
C SER A 205 1.34 46.30 -74.73
N LEU A 206 1.61 45.08 -75.19
CA LEU A 206 1.78 44.82 -76.62
C LEU A 206 0.54 45.20 -77.38
N LEU A 207 -0.63 44.92 -76.80
CA LEU A 207 -1.89 45.24 -77.45
C LEU A 207 -2.07 46.76 -77.61
N MLY A 208 -1.82 47.50 -76.54
CA MLY A 208 -1.89 48.96 -76.59
CB MLY A 208 -1.49 49.62 -75.25
CG MLY A 208 -2.69 50.24 -74.49
CD MLY A 208 -3.07 49.48 -73.19
CE MLY A 208 -2.87 50.26 -71.87
NZ MLY A 208 -2.49 49.42 -70.68
CH1 MLY A 208 -3.47 48.34 -70.36
CH2 MLY A 208 -1.12 48.84 -70.75
C MLY A 208 -0.99 49.43 -77.71
O MLY A 208 -1.45 50.19 -78.59
N ASP A 209 0.26 48.99 -77.71
CA ASP A 209 1.24 49.44 -78.73
C ASP A 209 0.79 49.10 -80.14
N THR A 210 0.11 47.97 -80.29
CA THR A 210 -0.33 47.54 -81.62
C THR A 210 -1.52 48.38 -82.08
N GLN A 211 -2.48 48.59 -81.18
CA GLN A 211 -3.62 49.45 -81.48
C GLN A 211 -3.23 50.89 -81.78
N ILE A 212 -2.16 51.37 -81.12
CA ILE A 212 -1.74 52.77 -81.20
C ILE A 212 -1.15 53.10 -82.58
N GLN A 213 -0.67 52.09 -83.30
CA GLN A 213 -0.27 52.26 -84.70
C GLN A 213 -1.41 52.05 -85.67
N LEU A 214 -2.61 51.85 -85.14
CA LEU A 214 -3.80 51.62 -85.95
C LEU A 214 -4.62 52.91 -85.94
N SER B 3 12.67 -16.99 4.60
CA SER B 3 13.40 -18.23 4.99
C SER B 3 12.48 -19.17 5.77
N GLY B 4 12.15 -18.79 7.00
CA GLY B 4 11.10 -19.46 7.76
C GLY B 4 9.80 -18.71 7.60
N GLU B 5 8.69 -19.39 7.86
CA GLU B 5 7.38 -18.75 7.82
C GLU B 5 6.57 -19.24 9.01
N ARG B 6 5.58 -18.45 9.43
CA ARG B 6 4.68 -18.89 10.48
C ARG B 6 3.32 -18.24 10.36
N MLY B 7 2.33 -18.89 10.98
CA MLY B 7 0.99 -18.37 11.11
CB MLY B 7 0.05 -19.15 10.18
CG MLY B 7 -1.39 -18.64 10.26
CD MLY B 7 -1.61 -17.24 9.66
CE MLY B 7 -3.10 -16.87 9.78
NZ MLY B 7 -3.39 -15.45 9.47
CH1 MLY B 7 -4.84 -15.26 9.50
CH2 MLY B 7 -2.82 -14.52 10.48
C MLY B 7 0.54 -18.57 12.53
O MLY B 7 0.78 -19.62 13.11
N ILE B 8 -0.11 -17.58 13.10
CA ILE B 8 -0.62 -17.64 14.43
C ILE B 8 -2.12 -17.49 14.32
N SER B 9 -2.85 -18.49 14.80
CA SER B 9 -4.29 -18.53 14.62
C SER B 9 -4.95 -18.63 15.99
N ARG B 10 -6.13 -18.05 16.10
CA ARG B 10 -7.00 -18.25 17.24
C ARG B 10 -7.86 -19.51 17.06
N ILE B 11 -7.97 -20.32 18.11
CA ILE B 11 -8.91 -21.44 18.08
C ILE B 11 -9.61 -21.58 19.38
N HIS B 12 -10.71 -22.32 19.36
CA HIS B 12 -11.46 -22.70 20.53
C HIS B 12 -11.39 -24.21 20.61
N LEU B 13 -11.10 -24.71 21.81
CA LEU B 13 -11.02 -26.13 22.08
C LEU B 13 -12.41 -26.61 22.46
N VAL B 14 -12.75 -27.81 22.02
CA VAL B 14 -14.07 -28.37 22.36
C VAL B 14 -14.31 -28.32 23.86
N SER B 15 -13.31 -28.71 24.65
CA SER B 15 -13.42 -28.76 26.13
C SER B 15 -13.36 -27.39 26.84
N GLU B 16 -12.93 -26.35 26.15
CA GLU B 16 -12.77 -25.02 26.77
C GLU B 16 -13.28 -23.93 25.86
N PRO B 17 -14.61 -23.88 25.67
CA PRO B 17 -15.25 -22.94 24.75
C PRO B 17 -15.14 -21.47 25.18
N SER B 18 -15.16 -21.24 26.49
CA SER B 18 -15.14 -19.89 27.01
C SER B 18 -13.81 -19.20 26.73
N ILE B 19 -12.74 -19.99 26.59
CA ILE B 19 -11.37 -19.48 26.41
C ILE B 19 -10.85 -19.59 24.97
N THR B 20 -10.20 -18.51 24.52
CA THR B 20 -9.49 -18.49 23.25
C THR B 20 -8.10 -19.03 23.42
N HIS B 21 -7.71 -20.00 22.63
CA HIS B 21 -6.32 -20.46 22.57
C HIS B 21 -5.68 -19.99 21.29
N PHE B 22 -4.34 -20.05 21.23
CA PHE B 22 -3.60 -19.72 20.01
C PHE B 22 -2.82 -20.90 19.57
N LEU B 23 -2.73 -21.03 18.26
CA LEU B 23 -2.03 -22.11 17.63
C LEU B 23 -0.99 -21.48 16.73
N GLN B 24 0.28 -21.81 16.92
CA GLN B 24 1.36 -21.22 16.18
C GLN B 24 1.97 -22.33 15.39
N VAL B 25 1.98 -22.20 14.07
CA VAL B 25 2.56 -23.22 13.22
C VAL B 25 3.63 -22.57 12.40
N SER B 26 4.77 -23.24 12.26
CA SER B 26 5.89 -22.68 11.52
C SER B 26 6.56 -23.71 10.64
N TRP B 27 7.10 -23.27 9.50
CA TRP B 27 7.69 -24.18 8.53
C TRP B 27 8.73 -23.48 7.66
N GLU B 28 9.41 -24.27 6.83
CA GLU B 28 10.45 -23.75 5.95
C GLU B 28 9.87 -23.14 4.68
N MLY B 29 9.52 -24.01 3.73
CA MLY B 29 9.12 -23.55 2.40
CB MLY B 29 10.01 -24.24 1.36
CG MLY B 29 11.34 -23.49 1.22
CD MLY B 29 12.35 -24.18 0.30
CE MLY B 29 13.52 -24.79 1.10
NZ MLY B 29 14.67 -25.23 0.27
CH1 MLY B 29 15.45 -24.09 -0.28
CH2 MLY B 29 15.56 -26.10 1.07
C MLY B 29 7.70 -23.90 2.12
O MLY B 29 6.92 -23.10 1.63
N THR B 30 7.38 -25.16 2.39
CA THR B 30 6.01 -25.63 2.38
C THR B 30 5.68 -26.32 3.71
N LEU B 31 4.39 -26.41 3.96
CA LEU B 31 3.89 -27.11 5.12
C LEU B 31 4.13 -28.59 4.89
N GLU B 32 4.16 -29.00 3.62
CA GLU B 32 4.41 -30.39 3.23
C GLU B 32 5.78 -30.90 3.67
N SER B 33 6.76 -29.99 3.78
CA SER B 33 8.13 -30.35 4.17
C SER B 33 8.28 -30.62 5.66
N GLY B 34 7.23 -30.39 6.44
CA GLY B 34 7.26 -30.59 7.89
C GLY B 34 7.06 -29.28 8.60
N PHE B 35 6.54 -29.33 9.83
CA PHE B 35 6.30 -28.13 10.61
C PHE B 35 6.36 -28.35 12.12
N VAL B 36 6.41 -27.24 12.84
CA VAL B 36 6.40 -27.20 14.29
C VAL B 36 5.09 -26.59 14.71
N ILE B 37 4.48 -27.13 15.75
CA ILE B 37 3.20 -26.60 16.19
C ILE B 37 3.14 -26.48 17.70
N THR B 38 2.70 -25.28 18.13
CA THR B 38 2.61 -24.92 19.52
C THR B 38 1.17 -24.47 19.83
N LEU B 39 0.63 -24.90 20.95
CA LEU B 39 -0.66 -24.41 21.43
C LEU B 39 -0.36 -23.63 22.69
N THR B 40 -1.04 -22.51 22.92
CA THR B 40 -0.86 -21.80 24.20
C THR B 40 -2.12 -21.11 24.62
N ASP B 41 -2.28 -20.98 25.92
CA ASP B 41 -3.40 -20.22 26.49
C ASP B 41 -2.97 -18.95 27.12
N GLY B 42 -1.74 -18.56 26.80
CA GLY B 42 -1.17 -17.39 27.42
C GLY B 42 -0.61 -17.61 28.81
N HIS B 43 -0.73 -18.82 29.36
CA HIS B 43 -0.05 -19.21 30.61
C HIS B 43 0.92 -20.36 30.38
N SER B 44 0.42 -21.41 29.75
CA SER B 44 1.21 -22.59 29.43
C SER B 44 1.36 -22.70 27.91
N ALA B 45 2.26 -23.58 27.49
CA ALA B 45 2.41 -23.90 26.10
C ALA B 45 2.82 -25.33 25.89
N TRP B 46 2.29 -25.90 24.82
CA TRP B 46 2.62 -27.27 24.44
C TRP B 46 3.10 -27.29 23.00
N THR B 47 4.14 -28.08 22.71
CA THR B 47 4.75 -28.06 21.39
C THR B 47 5.14 -29.40 20.84
N GLY B 48 4.83 -29.59 19.56
CA GLY B 48 5.16 -30.81 18.86
C GLY B 48 5.73 -30.50 17.50
N THR B 49 6.35 -31.51 16.89
CA THR B 49 6.97 -31.37 15.58
C THR B 49 6.49 -32.48 14.70
N VAL B 50 6.13 -32.13 13.47
CA VAL B 50 5.64 -33.10 12.50
C VAL B 50 6.54 -33.09 11.27
N SER B 51 7.19 -34.22 11.00
CA SER B 51 8.13 -34.32 9.90
C SER B 51 7.45 -34.71 8.60
N GLU B 52 8.08 -34.34 7.47
CA GLU B 52 7.55 -34.61 6.13
C GLU B 52 7.12 -36.06 6.01
N SER B 53 7.94 -36.93 6.63
CA SER B 53 7.67 -38.36 6.67
C SER B 53 6.36 -38.67 7.36
N GLU B 54 6.11 -38.06 8.51
CA GLU B 54 4.87 -38.31 9.26
C GLU B 54 3.64 -37.74 8.55
N ILE B 55 3.86 -36.70 7.74
CA ILE B 55 2.79 -36.10 6.96
C ILE B 55 2.46 -36.97 5.76
N SER B 56 3.48 -37.29 4.96
CA SER B 56 3.34 -38.19 3.81
C SER B 56 2.74 -39.51 4.25
N GLN B 57 3.15 -39.99 5.43
CA GLN B 57 2.64 -41.24 6.01
C GLN B 57 1.15 -41.14 6.34
N GLU B 58 0.73 -40.05 6.99
CA GLU B 58 -0.67 -39.88 7.43
C GLU B 58 -1.64 -39.77 6.23
N ALA B 59 -1.17 -39.19 5.13
CA ALA B 59 -1.97 -39.06 3.91
C ALA B 59 -2.27 -40.43 3.30
N ASP B 60 -1.22 -41.21 3.13
CA ASP B 60 -1.36 -42.56 2.59
C ASP B 60 -2.15 -43.48 3.57
N ASP B 61 -2.06 -43.22 4.89
CA ASP B 61 -2.81 -43.98 5.93
C ASP B 61 -4.30 -43.65 5.94
N MET B 62 -4.64 -42.53 5.33
CA MET B 62 -5.99 -42.04 5.30
C MET B 62 -6.58 -42.07 3.89
N ALA B 63 -5.93 -42.82 3.00
CA ALA B 63 -6.41 -43.01 1.63
C ALA B 63 -6.66 -41.68 0.92
N MET B 64 -5.86 -40.69 1.26
CA MET B 64 -6.07 -39.34 0.74
C MET B 64 -4.82 -38.96 -0.02
N GLU B 65 -5.03 -38.38 -1.20
CA GLU B 65 -3.91 -37.85 -1.98
C GLU B 65 -3.13 -36.78 -1.15
N MLY B 66 -1.80 -36.78 -1.31
CA MLY B 66 -0.88 -36.00 -0.46
CB MLY B 66 0.55 -36.36 -0.86
CG MLY B 66 1.57 -35.98 0.19
CD MLY B 66 2.93 -36.61 -0.13
CE MLY B 66 3.63 -36.02 -1.35
NZ MLY B 66 5.09 -36.27 -1.34
CH1 MLY B 66 5.68 -35.72 -2.57
CH2 MLY B 66 5.80 -35.69 -0.17
C MLY B 66 -1.15 -34.53 -0.62
O MLY B 66 -1.30 -33.82 0.37
N GLY B 67 -1.26 -34.06 -1.85
CA GLY B 67 -1.60 -32.67 -2.13
C GLY B 67 -2.89 -32.23 -1.45
N MLY B 68 -3.93 -33.05 -1.53
CA MLY B 68 -5.25 -32.69 -0.96
CB MLY B 68 -6.31 -33.64 -1.54
CG MLY B 68 -7.79 -33.23 -1.40
CD MLY B 68 -8.68 -34.37 -1.93
CE MLY B 68 -10.18 -34.17 -1.74
NZ MLY B 68 -10.91 -35.37 -1.23
CH1 MLY B 68 -12.36 -35.07 -1.05
CH2 MLY B 68 -10.76 -36.55 -2.11
C MLY B 68 -5.21 -32.72 0.55
O MLY B 68 -5.89 -31.91 1.21
N TYR B 69 -4.42 -33.64 1.10
CA TYR B 69 -4.28 -33.73 2.57
C TYR B 69 -3.56 -32.51 3.14
N VAL B 70 -2.49 -32.12 2.50
CA VAL B 70 -1.75 -30.93 2.91
C VAL B 70 -2.64 -29.71 2.76
N GLY B 71 -3.51 -29.70 1.76
CA GLY B 71 -4.50 -28.63 1.63
C GLY B 71 -5.42 -28.56 2.84
N GLU B 72 -5.86 -29.73 3.31
CA GLU B 72 -6.72 -29.76 4.48
C GLU B 72 -5.95 -29.30 5.73
N LEU B 73 -4.69 -29.69 5.83
CA LEU B 73 -3.88 -29.23 6.93
C LEU B 73 -3.81 -27.69 6.91
N ARG B 74 -3.61 -27.10 5.74
CA ARG B 74 -3.53 -25.63 5.61
C ARG B 74 -4.81 -24.99 6.09
N MLY B 75 -5.95 -25.53 5.70
CA MLY B 75 -7.22 -24.90 6.04
CB MLY B 75 -8.34 -25.54 5.19
CG MLY B 75 -8.26 -25.18 3.69
CD MLY B 75 -8.92 -26.24 2.79
CE MLY B 75 -10.14 -25.89 1.95
NZ MLY B 75 -10.14 -26.58 0.62
CH1 MLY B 75 -9.10 -26.05 -0.29
CH2 MLY B 75 -10.03 -28.06 0.73
C MLY B 75 -7.51 -24.99 7.53
O MLY B 75 -8.05 -24.05 8.15
N ALA B 76 -7.16 -26.14 8.12
CA ALA B 76 -7.47 -26.41 9.50
C ALA B 76 -6.53 -25.68 10.43
N LEU B 77 -5.24 -25.80 10.17
CA LEU B 77 -4.21 -25.34 11.10
C LEU B 77 -3.76 -23.90 10.89
N LEU B 78 -3.88 -23.39 9.66
CA LEU B 78 -3.45 -22.04 9.33
C LEU B 78 -4.63 -21.11 9.16
N SER B 79 -5.80 -21.52 9.62
CA SER B 79 -6.95 -20.63 9.62
C SER B 79 -7.27 -20.11 8.21
N GLY B 80 -7.20 -20.99 7.21
CA GLY B 80 -7.52 -20.63 5.83
C GLY B 80 -8.86 -21.11 5.27
N ALA B 81 -9.88 -21.25 6.12
CA ALA B 81 -11.18 -21.88 5.77
C ALA B 81 -12.32 -20.91 5.31
N GLY B 82 -13.43 -21.48 4.83
CA GLY B 82 -14.64 -20.73 4.49
C GLY B 82 -15.62 -20.70 5.65
N VAL B 86 -16.28 -25.49 10.75
CA VAL B 86 -15.86 -26.53 9.80
C VAL B 86 -14.81 -27.41 10.44
N TYR B 87 -13.84 -26.81 11.10
CA TYR B 87 -12.80 -27.58 11.76
C TYR B 87 -12.95 -27.45 13.28
N THR B 88 -12.94 -28.59 14.00
CA THR B 88 -12.99 -28.57 15.47
C THR B 88 -11.74 -29.14 16.09
N PHE B 89 -11.40 -28.62 17.27
CA PHE B 89 -10.07 -28.87 17.89
C PHE B 89 -10.15 -29.40 19.32
N ASN B 90 -9.35 -30.41 19.60
CA ASN B 90 -9.40 -31.12 20.90
C ASN B 90 -8.03 -31.30 21.48
N PHE B 91 -7.94 -31.05 22.78
CA PHE B 91 -6.69 -31.24 23.48
C PHE B 91 -6.93 -31.58 24.91
N SER B 92 -6.29 -32.67 25.36
CA SER B 92 -6.27 -33.04 26.76
C SER B 92 -4.93 -32.67 27.35
N MLY B 93 -4.97 -31.89 28.42
CA MLY B 93 -3.73 -31.50 29.10
CB MLY B 93 -4.03 -30.51 30.21
CG MLY B 93 -4.73 -29.25 29.69
CD MLY B 93 -5.12 -28.33 30.86
CE MLY B 93 -6.33 -28.72 31.75
NZ MLY B 93 -6.02 -29.81 32.71
CH1 MLY B 93 -5.41 -29.25 33.93
CH2 MLY B 93 -7.25 -30.59 32.99
C MLY B 93 -3.04 -32.67 29.70
O MLY B 93 -1.81 -32.67 29.80
N GLU B 94 -3.81 -33.70 30.09
CA GLU B 94 -3.27 -34.87 30.78
C GLU B 94 -2.44 -35.76 29.86
N SER B 95 -2.97 -36.09 28.68
CA SER B 95 -2.24 -36.93 27.73
C SER B 95 -1.45 -36.13 26.71
N CYS B 96 -1.64 -34.82 26.72
CA CYS B 96 -1.00 -33.91 25.74
C CYS B 96 -1.33 -34.31 24.30
N TYR B 97 -2.55 -34.74 24.13
CA TYR B 97 -2.96 -35.30 22.87
C TYR B 97 -3.80 -34.26 22.21
N PHE B 98 -3.42 -33.94 20.98
CA PHE B 98 -4.12 -32.92 20.20
C PHE B 98 -4.67 -33.58 18.96
N PHE B 99 -5.96 -33.43 18.73
CA PHE B 99 -6.52 -33.93 17.50
C PHE B 99 -7.65 -33.02 17.04
N PHE B 100 -7.83 -33.00 15.72
CA PHE B 100 -8.79 -32.11 15.08
C PHE B 100 -9.59 -32.83 14.00
N GLU B 101 -10.85 -32.40 13.85
CA GLU B 101 -11.80 -33.04 12.94
C GLU B 101 -12.33 -32.07 11.90
N MLY B 102 -12.72 -32.60 10.74
CA MLY B 102 -13.42 -31.83 9.74
CB MLY B 102 -12.88 -32.15 8.36
CG MLY B 102 -13.31 -31.04 7.42
CD MLY B 102 -13.71 -31.48 6.04
CE MLY B 102 -14.00 -30.25 5.16
NZ MLY B 102 -13.28 -30.34 3.89
CH1 MLY B 102 -13.88 -31.46 3.12
CH2 MLY B 102 -13.50 -29.08 3.14
C MLY B 102 -14.88 -32.14 9.80
O MLY B 102 -15.28 -33.30 9.76
N ASN B 103 -15.71 -31.11 9.84
CA ASN B 103 -17.15 -31.26 9.97
C ASN B 103 -17.93 -30.79 8.76
N LEU B 104 -18.78 -31.64 8.24
CA LEU B 104 -19.98 -31.23 7.52
C LEU B 104 -21.08 -31.15 8.55
N MLY B 105 -22.30 -30.99 8.12
CA MLY B 105 -23.43 -30.62 9.00
CB MLY B 105 -24.75 -30.83 8.27
CG MLY B 105 -24.87 -29.81 7.13
CD MLY B 105 -25.54 -30.42 5.89
CE MLY B 105 -26.99 -30.85 6.13
NZ MLY B 105 -27.29 -32.02 5.27
CH1 MLY B 105 -28.19 -32.95 6.00
CH2 MLY B 105 -27.92 -31.55 4.02
C MLY B 105 -23.48 -31.35 10.30
O MLY B 105 -23.33 -30.74 11.37
N ASP B 106 -23.67 -32.65 10.24
CA ASP B 106 -23.67 -33.49 11.45
C ASP B 106 -22.55 -34.52 11.40
N VAL B 107 -21.97 -34.70 10.21
CA VAL B 107 -20.99 -35.75 9.92
C VAL B 107 -19.60 -35.22 10.03
N SER B 108 -18.77 -35.94 10.78
CA SER B 108 -17.41 -35.49 11.04
C SER B 108 -16.46 -36.64 10.83
N PHE B 109 -15.20 -36.29 10.64
CA PHE B 109 -14.13 -37.30 10.62
C PHE B 109 -12.80 -36.70 11.08
N ARG B 110 -11.95 -37.56 11.64
CA ARG B 110 -10.69 -37.10 12.19
C ARG B 110 -9.76 -36.76 11.06
N LEU B 111 -9.19 -35.57 11.11
CA LEU B 111 -8.27 -35.13 10.07
C LEU B 111 -6.80 -35.38 10.47
N GLY B 112 -6.48 -35.15 11.74
CA GLY B 112 -5.11 -35.31 12.18
C GLY B 112 -4.95 -35.29 13.67
N SER B 113 -3.74 -35.63 14.09
CA SER B 113 -3.44 -35.74 15.52
C SER B 113 -1.95 -35.54 15.78
N PHE B 114 -1.65 -34.86 16.88
CA PHE B 114 -0.28 -34.68 17.34
C PHE B 114 -0.17 -34.90 18.83
N ASN B 115 1.00 -35.38 19.25
CA ASN B 115 1.38 -35.29 20.67
C ASN B 115 2.14 -34.00 20.86
N LEU B 116 1.69 -33.20 21.82
CA LEU B 116 2.32 -31.92 22.14
C LEU B 116 2.94 -31.92 23.54
N GLU B 117 4.27 -31.96 23.61
CA GLU B 117 4.99 -31.91 24.89
C GLU B 117 4.92 -30.53 25.55
N MLY B 118 4.52 -30.50 26.81
CA MLY B 118 4.45 -29.27 27.59
CB MLY B 118 3.92 -29.58 28.99
CG MLY B 118 3.94 -28.37 29.95
CD MLY B 118 2.55 -27.83 30.35
CE MLY B 118 2.03 -28.36 31.70
NZ MLY B 118 2.24 -27.39 32.82
CH1 MLY B 118 0.99 -26.64 33.17
CH2 MLY B 118 2.79 -28.06 34.03
C MLY B 118 5.83 -28.68 27.69
O MLY B 118 6.75 -29.34 28.14
N VAL B 119 5.98 -27.43 27.31
CA VAL B 119 7.28 -26.74 27.43
C VAL B 119 7.48 -26.17 28.87
N GLU B 120 8.71 -26.21 29.37
CA GLU B 120 9.00 -25.74 30.74
C GLU B 120 9.26 -24.23 30.80
N ASN B 121 9.33 -23.60 29.61
CA ASN B 121 9.61 -22.16 29.46
C ASN B 121 8.51 -21.48 28.64
N PRO B 122 7.26 -21.52 29.13
CA PRO B 122 6.12 -20.99 28.36
C PRO B 122 6.16 -19.48 28.13
N ALA B 123 6.69 -18.78 29.10
CA ALA B 123 6.77 -17.33 29.01
C ALA B 123 7.71 -16.92 27.88
N GLU B 124 8.80 -17.65 27.72
CA GLU B 124 9.75 -17.40 26.65
C GLU B 124 9.08 -17.57 25.27
N VAL B 125 8.35 -18.65 25.07
CA VAL B 125 7.64 -18.89 23.82
C VAL B 125 6.63 -17.78 23.57
N ILE B 126 5.95 -17.37 24.64
CA ILE B 126 4.93 -16.34 24.55
C ILE B 126 5.54 -14.98 24.23
N ARG B 127 6.67 -14.67 24.83
CA ARG B 127 7.38 -13.44 24.51
C ARG B 127 7.82 -13.41 23.06
N GLU B 128 8.38 -14.54 22.59
CA GLU B 128 8.85 -14.61 21.21
C GLU B 128 7.66 -14.46 20.27
N LEU B 129 6.53 -15.05 20.62
CA LEU B 129 5.31 -14.91 19.83
C LEU B 129 4.84 -13.46 19.75
N ILE B 130 4.76 -12.79 20.89
CA ILE B 130 4.30 -11.40 20.92
C ILE B 130 5.28 -10.48 20.15
N CYS B 131 6.58 -10.68 20.37
CA CYS B 131 7.58 -10.02 19.51
C CYS B 131 7.30 -10.21 18.01
N TYR B 132 7.00 -11.43 17.59
CA TYR B 132 6.71 -11.68 16.19
C TYR B 132 5.53 -10.84 15.75
N CYS B 133 4.46 -10.83 16.51
CA CYS B 133 3.35 -9.98 16.17
C CYS B 133 3.72 -8.50 16.07
N LEU B 134 4.50 -7.98 17.02
CA LEU B 134 4.86 -6.53 16.95
C LEU B 134 5.72 -6.23 15.75
N ASP B 135 6.68 -7.12 15.45
CA ASP B 135 7.55 -6.95 14.27
C ASP B 135 6.74 -6.93 13.01
N THR B 136 5.83 -7.87 12.91
CA THR B 136 4.91 -7.91 11.78
C THR B 136 4.09 -6.64 11.62
N THR B 137 3.50 -6.15 12.70
CA THR B 137 2.74 -4.91 12.66
C THR B 137 3.61 -3.75 12.21
N ALA B 138 4.86 -3.67 12.68
CA ALA B 138 5.78 -2.63 12.23
C ALA B 138 6.06 -2.72 10.72
N GLU B 139 6.39 -3.91 10.23
CA GLU B 139 6.64 -4.13 8.79
C GLU B 139 5.44 -3.73 7.96
N ASN B 140 4.25 -4.12 8.40
CA ASN B 140 3.06 -3.73 7.70
C ASN B 140 2.81 -2.27 7.69
N GLN B 141 3.13 -1.60 8.78
CA GLN B 141 2.96 -0.16 8.86
C GLN B 141 3.87 0.51 7.86
N ALA B 142 5.10 0.05 7.77
CA ALA B 142 6.06 0.60 6.79
C ALA B 142 5.64 0.39 5.31
N MLY B 143 5.16 -0.81 4.99
CA MLY B 143 4.73 -1.10 3.62
CB MLY B 143 4.74 -2.59 3.34
CG MLY B 143 3.37 -3.23 3.28
CD MLY B 143 3.49 -4.73 3.65
CE MLY B 143 4.60 -5.47 2.91
NZ MLY B 143 4.90 -6.74 3.61
CH1 MLY B 143 4.20 -7.87 2.96
CH2 MLY B 143 6.36 -7.00 3.62
C MLY B 143 3.47 -0.31 3.35
O MLY B 143 3.22 0.11 2.25
N ASN B 144 2.68 -0.06 4.36
CA ASN B 144 1.52 0.81 4.24
C ASN B 144 1.90 2.27 3.92
N GLU B 145 2.93 2.75 4.58
CA GLU B 145 3.41 4.11 4.33
C GLU B 145 3.93 4.22 2.92
N HIS B 146 4.67 3.19 2.50
CA HIS B 146 5.27 3.15 1.19
C HIS B 146 4.22 3.11 0.10
N HIS B 147 3.07 2.31 0.30
CA HIS B 147 2.00 2.22 -0.69
C HIS B 147 1.37 3.56 -0.80
N LEU B 148 1.23 4.26 0.28
CA LEU B 148 0.62 5.58 0.22
C LEU B 148 1.44 6.54 -0.61
N ARG B 149 2.76 6.44 -0.50
CA ARG B 149 3.65 7.23 -1.36
C ARG B 149 3.48 6.83 -2.82
N VAL B 150 3.38 5.53 -3.08
CA VAL B 150 3.27 5.04 -4.45
C VAL B 150 1.99 5.52 -5.10
N VAL B 151 0.89 5.44 -4.38
CA VAL B 151 -0.38 5.94 -4.83
C VAL B 151 -0.31 7.44 -5.11
N ASP B 152 0.20 8.21 -4.20
CA ASP B 152 0.30 9.65 -4.41
C ASP B 152 1.10 9.97 -5.68
N SER B 153 2.20 9.27 -5.89
CA SER B 153 3.08 9.42 -7.05
C SER B 153 2.30 9.06 -8.34
N LEU B 154 1.62 7.94 -8.32
CA LEU B 154 0.89 7.56 -9.52
C LEU B 154 -0.24 8.55 -9.79
N GLN B 155 -0.91 9.06 -8.76
CA GLN B 155 -2.00 9.99 -9.03
C GLN B 155 -1.51 11.28 -9.58
N THR B 156 -0.31 11.65 -9.14
CA THR B 156 0.33 12.88 -9.60
C THR B 156 0.69 12.71 -11.08
N SER B 157 1.29 11.59 -11.46
CA SER B 157 1.60 11.33 -12.88
C SER B 157 0.34 11.35 -13.70
N LEU B 158 -0.71 10.77 -13.20
CA LEU B 158 -1.95 10.70 -13.94
C LEU B 158 -2.58 12.06 -14.08
N ASP B 159 -2.47 12.89 -13.06
CA ASP B 159 -2.96 14.26 -13.18
C ASP B 159 -2.23 14.96 -14.34
N ALA B 160 -0.92 14.76 -14.43
CA ALA B 160 -0.10 15.40 -15.46
C ALA B 160 -0.48 14.89 -16.83
N GLU B 161 -0.61 13.59 -16.95
CA GLU B 161 -1.07 13.00 -18.21
C GLU B 161 -2.43 13.53 -18.62
N THR B 162 -3.36 13.66 -17.71
CA THR B 162 -4.70 14.19 -18.05
C THR B 162 -4.64 15.61 -18.53
N ARG B 163 -3.93 16.46 -17.82
CA ARG B 163 -3.84 17.85 -18.20
C ARG B 163 -3.14 18.03 -19.55
N SER B 164 -2.05 17.26 -19.79
CA SER B 164 -1.34 17.28 -21.06
C SER B 164 -2.23 16.78 -22.21
N ARG B 165 -3.02 15.76 -21.94
CA ARG B 165 -3.97 15.26 -22.90
C ARG B 165 -4.98 16.33 -23.29
N ASN B 166 -5.60 16.98 -22.34
CA ASN B 166 -6.55 18.02 -22.70
C ASN B 166 -5.90 19.20 -23.42
N GLU B 167 -4.68 19.58 -23.05
CA GLU B 167 -3.93 20.64 -23.78
C GLU B 167 -3.70 20.27 -25.21
N ALA B 168 -3.24 19.05 -25.44
CA ALA B 168 -2.90 18.65 -26.80
C ALA B 168 -4.14 18.55 -27.63
N LEU B 169 -5.26 18.26 -27.01
CA LEU B 169 -6.52 18.20 -27.71
C LEU B 169 -6.90 19.57 -28.22
N ARG B 170 -6.64 20.63 -27.45
CA ARG B 170 -6.96 21.99 -27.92
C ARG B 170 -6.04 22.38 -29.08
N VAL B 171 -4.77 22.04 -28.99
CA VAL B 171 -3.86 22.27 -30.09
C VAL B 171 -4.28 21.51 -31.33
N MLY B 172 -4.86 20.35 -31.16
CA MLY B 172 -5.29 19.59 -32.33
CB MLY B 172 -5.63 18.18 -31.89
CG MLY B 172 -6.16 17.25 -32.97
CD MLY B 172 -6.39 15.89 -32.32
CE MLY B 172 -6.96 14.89 -33.33
NZ MLY B 172 -8.31 15.27 -33.81
CH1 MLY B 172 -8.79 14.19 -34.70
CH2 MLY B 172 -9.30 15.52 -32.74
C MLY B 172 -6.45 20.25 -33.01
O MLY B 172 -6.52 20.23 -34.22
N MLY B 173 -7.38 20.82 -32.25
CA MLY B 173 -8.55 21.48 -32.82
CB MLY B 173 -9.50 21.85 -31.68
CG MLY B 173 -10.35 20.67 -31.22
CD MLY B 173 -11.05 20.88 -29.86
CE MLY B 173 -12.55 21.17 -29.94
NZ MLY B 173 -13.24 21.38 -28.61
CH1 MLY B 173 -13.15 20.21 -27.70
CH2 MLY B 173 -12.78 22.58 -27.89
C MLY B 173 -8.16 22.71 -33.61
O MLY B 173 -8.76 23.02 -34.65
N MLY B 174 -7.15 23.42 -33.12
CA MLY B 174 -6.71 24.64 -33.82
CB MLY B 174 -5.89 25.57 -32.90
CG MLY B 174 -4.42 25.14 -32.78
CD MLY B 174 -3.46 25.78 -33.77
CE MLY B 174 -3.76 27.25 -34.11
NZ MLY B 174 -2.71 27.76 -34.99
CH1 MLY B 174 -3.15 29.09 -35.47
CH2 MLY B 174 -1.43 27.84 -34.28
C MLY B 174 -6.00 24.20 -35.08
O MLY B 174 -6.17 24.80 -36.12
N MET B 175 -5.20 23.14 -35.01
CA MET B 175 -4.53 22.60 -36.16
C MET B 175 -5.54 22.18 -37.23
N GLU B 176 -6.66 21.60 -36.84
CA GLU B 176 -7.69 21.22 -37.81
C GLU B 176 -8.31 22.42 -38.51
N GLY B 177 -8.51 23.47 -37.74
CA GLY B 177 -8.96 24.78 -38.23
C GLY B 177 -7.99 25.34 -39.27
N ASP B 178 -6.70 25.25 -38.95
CA ASP B 178 -5.66 25.66 -39.84
C ASP B 178 -5.69 24.87 -41.13
N LEU B 179 -5.95 23.57 -41.03
CA LEU B 179 -6.05 22.73 -42.23
C LEU B 179 -7.23 23.16 -43.11
N ASN B 180 -8.36 23.41 -42.50
CA ASN B 180 -9.53 23.83 -43.26
C ASN B 180 -9.38 25.21 -43.91
N GLU B 181 -8.86 26.18 -43.16
CA GLU B 181 -8.56 27.53 -43.68
C GLU B 181 -7.56 27.46 -44.83
N MET B 182 -6.53 26.65 -44.68
CA MET B 182 -5.57 26.46 -45.73
C MET B 182 -6.22 25.84 -46.94
N GLU B 183 -7.18 24.95 -46.75
CA GLU B 183 -7.81 24.30 -47.89
C GLU B 183 -8.57 25.32 -48.70
N ILE B 184 -9.28 26.24 -48.06
CA ILE B 184 -10.01 27.24 -48.84
C ILE B 184 -9.03 28.22 -49.53
N GLN B 185 -7.89 28.49 -48.89
CA GLN B 185 -6.84 29.34 -49.45
C GLN B 185 -6.30 28.67 -50.69
N LEU B 186 -6.04 27.38 -50.62
CA LEU B 186 -5.50 26.65 -51.76
C LEU B 186 -6.50 26.68 -52.91
N SER B 187 -7.75 26.47 -52.58
CA SER B 187 -8.78 26.36 -53.55
C SER B 187 -8.80 27.65 -54.37
N HIS B 188 -8.92 28.76 -53.65
CA HIS B 188 -8.90 30.10 -54.23
C HIS B 188 -7.72 30.28 -55.14
N ALA B 189 -6.55 30.00 -54.62
CA ALA B 189 -5.34 30.22 -55.37
C ALA B 189 -5.37 29.45 -56.67
N ASN B 190 -5.79 28.20 -56.64
CA ASN B 190 -5.80 27.40 -57.86
C ASN B 190 -6.74 27.99 -58.86
N ARG B 191 -7.85 28.53 -58.39
CA ARG B 191 -8.82 29.18 -59.27
C ARG B 191 -8.29 30.49 -59.82
N MET B 192 -7.54 31.24 -59.03
CA MET B 192 -6.84 32.43 -59.53
C MET B 192 -5.78 32.12 -60.56
N ALA B 193 -5.01 31.08 -60.32
CA ALA B 193 -4.04 30.71 -61.34
C ALA B 193 -4.74 30.39 -62.64
N ALA B 194 -5.81 29.62 -62.57
CA ALA B 194 -6.53 29.21 -63.79
C ALA B 194 -7.09 30.43 -64.49
N GLU B 195 -7.61 31.36 -63.70
CA GLU B 195 -8.16 32.60 -64.25
C GLU B 195 -7.11 33.37 -64.99
N ALA B 196 -5.95 33.50 -64.40
CA ALA B 196 -4.88 34.18 -65.07
C ALA B 196 -4.64 33.57 -66.41
N GLN B 197 -4.60 32.25 -66.53
CA GLN B 197 -4.39 31.58 -67.85
C GLN B 197 -5.51 31.83 -68.86
N MLY B 198 -6.72 31.96 -68.36
CA MLY B 198 -7.87 32.30 -69.21
CB MLY B 198 -9.12 32.19 -68.39
CG MLY B 198 -10.40 31.96 -69.15
CD MLY B 198 -11.49 31.55 -68.12
CE MLY B 198 -11.46 30.06 -67.69
NZ MLY B 198 -12.58 29.61 -66.80
CH1 MLY B 198 -12.41 29.99 -65.37
CH2 MLY B 198 -13.92 29.99 -67.32
C MLY B 198 -7.69 33.70 -69.77
O MLY B 198 -7.91 33.92 -70.95
N GLN B 199 -7.28 34.63 -68.92
CA GLN B 199 -6.99 36.00 -69.37
C GLN B 199 -5.91 36.00 -70.40
N VAL B 200 -4.82 35.28 -70.12
CA VAL B 200 -3.77 35.14 -71.09
C VAL B 200 -4.29 34.72 -72.47
N MLY B 201 -5.07 33.65 -72.52
CA MLY B 201 -5.53 33.11 -73.81
CB MLY B 201 -6.37 31.85 -73.62
CG MLY B 201 -6.48 31.01 -74.90
CD MLY B 201 -7.74 30.11 -74.81
CE MLY B 201 -7.83 29.05 -75.91
NZ MLY B 201 -9.06 28.23 -75.82
CH1 MLY B 201 -9.15 27.34 -77.01
CH2 MLY B 201 -9.04 27.41 -74.60
C MLY B 201 -6.36 34.11 -74.56
O MLY B 201 -6.13 34.30 -75.74
N SER B 202 -7.33 34.74 -73.89
CA SER B 202 -8.16 35.76 -74.54
C SER B 202 -7.33 36.87 -75.11
N LEU B 203 -6.38 37.38 -74.34
CA LEU B 203 -5.52 38.45 -74.79
C LEU B 203 -4.62 38.04 -75.94
N GLN B 204 -4.13 36.82 -75.93
CA GLN B 204 -3.30 36.37 -77.01
C GLN B 204 -4.05 36.36 -78.33
N SER B 205 -5.31 35.92 -78.27
CA SER B 205 -6.18 35.95 -79.46
C SER B 205 -6.43 37.35 -79.95
N LEU B 206 -6.82 38.22 -79.04
CA LEU B 206 -7.12 39.58 -79.40
C LEU B 206 -5.88 40.21 -80.02
N LEU B 207 -4.71 39.90 -79.46
CA LEU B 207 -3.50 40.48 -79.99
C LEU B 207 -3.23 40.00 -81.40
N MLY B 208 -3.35 38.70 -81.63
CA MLY B 208 -3.08 38.15 -82.93
CB MLY B 208 -3.46 36.69 -82.92
CG MLY B 208 -2.96 35.99 -84.16
CD MLY B 208 -2.81 34.50 -83.92
CE MLY B 208 -3.10 33.66 -85.17
NZ MLY B 208 -1.84 33.17 -85.72
CH1 MLY B 208 -1.75 31.70 -85.59
CH2 MLY B 208 -1.73 33.56 -87.14
C MLY B 208 -3.97 38.81 -83.93
O MLY B 208 -3.52 39.26 -84.98
N ASP B 209 -5.25 38.89 -83.59
CA ASP B 209 -6.22 39.48 -84.49
C ASP B 209 -5.90 40.91 -84.78
N THR B 210 -5.37 41.63 -83.79
CA THR B 210 -5.08 43.04 -83.94
C THR B 210 -3.85 43.25 -84.82
N GLN B 211 -2.82 42.46 -84.60
CA GLN B 211 -1.64 42.50 -85.45
C GLN B 211 -1.96 42.19 -86.92
N ILE B 212 -2.95 41.34 -87.16
CA ILE B 212 -3.32 40.94 -88.54
C ILE B 212 -3.95 42.11 -89.33
N GLN B 213 -4.51 43.07 -88.61
CA GLN B 213 -4.96 44.33 -89.19
C GLN B 213 -3.89 45.40 -89.28
N LEU B 214 -2.65 45.07 -88.94
CA LEU B 214 -1.58 46.07 -88.82
C LEU B 214 -0.73 46.17 -90.06
#